data_6QQV
#
_entry.id   6QQV
#
_cell.length_a   74.556
_cell.length_b   77.749
_cell.length_c   86.182
_cell.angle_alpha   90.000
_cell.angle_beta   90.000
_cell.angle_gamma   90.000
#
_symmetry.space_group_name_H-M   'P 21 21 21'
#
loop_
_entity.id
_entity.type
_entity.pdbx_description
1 polymer 'tRNA (guanine-N(1)-)-methyltransferase'
2 non-polymer 2-[[6-(5-azanyl-1~{H}-pyrazol-3-yl)indol-1-yl]methyl]benzenecarbonitrile
3 non-polymer 'SULFATE ION'
4 water water
#
_entity_poly.entity_id   1
_entity_poly.type   'polypeptide(L)'
_entity_poly.pdbx_seq_one_letter_code
;GSMKIDVVTIFPEYLQPVRQSLPGKAIDAGLVDVAVHDLRRWTHDVHKSVDDSPYGGGPGMVMKPTVWGDALDEICTSET
LLVVPTPAGYPFTQETAWQWSTEDHLVIACGRYEGIDQRVADDAATRMRVREVSIGDYVLNGGEAAALVIIEAVLRLVPG
VLGNALSAQEDSHSEGMASLLEGPSYTRPPSWRGMDVPPVLLSGDHAKIAAWRAEQSRQRTIERRPDLLGFDSPTGEHGG
DGLS
;
_entity_poly.pdbx_strand_id   A,B
#
loop_
_chem_comp.id
_chem_comp.type
_chem_comp.name
_chem_comp.formula
JEW non-polymer 2-[[6-(5-azanyl-1~{H}-pyrazol-3-yl)indol-1-yl]methyl]benzenecarbonitrile 'C19 H15 N5'
SO4 non-polymer 'SULFATE ION' 'O4 S -2'
#
# COMPACT_ATOMS: atom_id res chain seq x y z
N SER A 2 -22.01 -8.14 -3.45
CA SER A 2 -21.46 -9.31 -4.11
C SER A 2 -20.34 -8.93 -5.07
N MET A 3 -19.10 -9.15 -4.66
CA MET A 3 -17.96 -8.78 -5.52
C MET A 3 -17.04 -9.95 -5.83
N LYS A 4 -16.67 -10.07 -7.10
CA LYS A 4 -15.62 -10.98 -7.54
C LYS A 4 -14.36 -10.17 -7.76
N ILE A 5 -13.24 -10.62 -7.21
CA ILE A 5 -11.93 -10.03 -7.55
C ILE A 5 -11.01 -11.11 -8.12
N ASP A 6 -10.53 -10.90 -9.33
CA ASP A 6 -9.50 -11.75 -9.91
C ASP A 6 -8.18 -11.00 -9.90
N VAL A 7 -7.13 -11.65 -9.40
CA VAL A 7 -5.81 -11.04 -9.43
C VAL A 7 -4.91 -11.87 -10.33
N VAL A 8 -4.20 -11.21 -11.25
CA VAL A 8 -3.29 -11.91 -12.17
C VAL A 8 -1.86 -11.50 -11.88
N THR A 9 -0.96 -12.47 -11.71
CA THR A 9 0.36 -12.17 -11.18
C THR A 9 1.31 -13.31 -11.48
N ILE A 10 2.60 -13.02 -11.58
CA ILE A 10 3.57 -14.12 -11.73
C ILE A 10 4.00 -14.63 -10.36
N PHE A 11 3.49 -14.00 -9.32
CA PHE A 11 3.73 -14.45 -7.95
C PHE A 11 2.43 -14.70 -7.18
N PRO A 12 1.66 -15.72 -7.58
CA PRO A 12 0.36 -15.93 -6.93
C PRO A 12 0.45 -16.13 -5.41
N GLU A 13 1.56 -16.64 -4.90
CA GLU A 13 1.63 -16.86 -3.46
C GLU A 13 1.67 -15.55 -2.65
N TYR A 14 2.06 -14.46 -3.30
CA TYR A 14 2.08 -13.13 -2.64
C TYR A 14 0.70 -12.71 -2.18
N LEU A 15 -0.34 -13.24 -2.84
CA LEU A 15 -1.70 -12.84 -2.54
C LEU A 15 -2.34 -13.71 -1.46
N GLN A 16 -1.57 -14.65 -0.93
CA GLN A 16 -2.03 -15.54 0.14
C GLN A 16 -2.67 -14.82 1.34
N PRO A 17 -2.07 -13.70 1.82
CA PRO A 17 -2.69 -13.01 2.95
C PRO A 17 -4.13 -12.52 2.72
N VAL A 18 -4.50 -12.23 1.48
CA VAL A 18 -5.86 -11.77 1.18
C VAL A 18 -6.85 -12.89 1.40
N ARG A 19 -6.60 -14.03 0.77
CA ARG A 19 -7.49 -15.17 0.86
C ARG A 19 -7.61 -15.62 2.32
N GLN A 20 -6.54 -15.42 3.07
CA GLN A 20 -6.53 -15.73 4.50
C GLN A 20 -7.42 -14.79 5.31
N SER A 21 -7.35 -13.50 5.03
CA SER A 21 -8.06 -12.52 5.84
C SER A 21 -9.56 -12.45 5.54
N LEU A 22 -10.06 -13.34 4.68
CA LEU A 22 -11.49 -13.37 4.35
C LEU A 22 -12.28 -14.27 5.29
N PRO A 23 -13.19 -13.69 6.07
CA PRO A 23 -14.13 -14.44 6.92
C PRO A 23 -14.99 -15.40 6.10
N GLY A 24 -15.18 -16.62 6.60
CA GLY A 24 -15.95 -17.62 5.90
C GLY A 24 -17.39 -17.20 5.69
N LYS A 25 -17.93 -16.45 6.64
CA LYS A 25 -19.33 -16.00 6.58
C LYS A 25 -19.62 -15.17 5.33
N ALA A 26 -18.71 -14.26 4.99
CA ALA A 26 -18.89 -13.42 3.81
C ALA A 26 -18.79 -14.23 2.53
N ILE A 27 -17.90 -15.21 2.51
CA ILE A 27 -17.72 -16.08 1.34
C ILE A 27 -18.94 -16.96 1.13
N ASP A 28 -19.40 -17.59 2.21
CA ASP A 28 -20.56 -18.48 2.13
C ASP A 28 -21.85 -17.72 1.88
N ALA A 29 -21.87 -16.44 2.25
CA ALA A 29 -23.02 -15.59 1.94
C ALA A 29 -22.92 -15.07 0.51
N GLY A 30 -21.86 -15.44 -0.19
CA GLY A 30 -21.64 -15.01 -1.56
C GLY A 30 -21.43 -13.52 -1.71
N LEU A 31 -20.89 -12.90 -0.66
CA LEU A 31 -20.63 -11.46 -0.69
C LEU A 31 -19.34 -11.16 -1.44
N VAL A 32 -18.42 -12.11 -1.43
CA VAL A 32 -17.10 -11.87 -2.03
C VAL A 32 -16.41 -13.18 -2.44
N ASP A 33 -15.64 -13.09 -3.51
CA ASP A 33 -14.81 -14.20 -3.97
C ASP A 33 -13.54 -13.61 -4.59
N VAL A 34 -12.38 -13.96 -4.03
CA VAL A 34 -11.09 -13.49 -4.53
C VAL A 34 -10.36 -14.68 -5.12
N ALA A 35 -10.00 -14.59 -6.40
CA ALA A 35 -9.30 -15.66 -7.07
C ALA A 35 -7.97 -15.14 -7.60
N VAL A 36 -6.92 -15.95 -7.47
CA VAL A 36 -5.61 -15.53 -7.90
C VAL A 36 -5.13 -16.43 -9.04
N HIS A 37 -4.60 -15.80 -10.09
CA HIS A 37 -4.20 -16.52 -11.28
C HIS A 37 -2.74 -16.32 -11.60
N ASP A 38 -2.04 -17.42 -11.89
CA ASP A 38 -0.65 -17.35 -12.35
C ASP A 38 -0.60 -16.89 -13.80
N LEU A 39 0.02 -15.75 -14.07
CA LEU A 39 0.09 -15.22 -15.42
C LEU A 39 0.74 -16.22 -16.39
N ARG A 40 1.61 -17.08 -15.88
CA ARG A 40 2.35 -17.95 -16.78
C ARG A 40 1.44 -19.00 -17.42
N ARG A 41 0.22 -19.14 -16.92
CA ARG A 41 -0.74 -20.04 -17.55
C ARG A 41 -1.04 -19.61 -18.99
N TRP A 42 -0.85 -18.33 -19.28
CA TRP A 42 -1.16 -17.82 -20.60
C TRP A 42 0.09 -17.56 -21.47
N THR A 43 1.24 -18.08 -21.06
CA THR A 43 2.43 -17.94 -21.90
C THR A 43 2.34 -18.88 -23.11
N HIS A 44 3.14 -18.57 -24.14
CA HIS A 44 3.05 -19.29 -25.43
C HIS A 44 4.18 -20.27 -25.68
N ASP A 45 5.28 -20.09 -24.95
CA ASP A 45 6.50 -20.81 -25.24
C ASP A 45 6.91 -21.73 -24.12
N VAL A 46 7.85 -22.63 -24.44
CA VAL A 46 8.25 -23.63 -23.49
C VAL A 46 8.97 -23.00 -22.30
N HIS A 47 9.52 -21.80 -22.48
CA HIS A 47 10.24 -21.12 -21.40
C HIS A 47 9.34 -20.23 -20.55
N LYS A 48 8.04 -20.26 -20.86
CA LYS A 48 7.02 -19.52 -20.12
C LYS A 48 7.42 -18.04 -19.94
N SER A 49 7.77 -17.41 -21.07
CA SER A 49 8.29 -16.04 -21.06
C SER A 49 7.20 -15.00 -20.84
N VAL A 50 7.43 -14.10 -19.90
CA VAL A 50 6.47 -13.03 -19.66
C VAL A 50 7.06 -11.66 -19.90
N ASP A 51 8.36 -11.60 -20.18
CA ASP A 51 9.03 -10.31 -20.38
C ASP A 51 9.92 -10.29 -21.61
N ASP A 52 10.34 -9.09 -22.01
CA ASP A 52 11.14 -8.90 -23.22
C ASP A 52 11.75 -7.50 -23.15
N SER A 53 12.75 -7.24 -23.99
CA SER A 53 13.48 -5.97 -23.90
C SER A 53 12.64 -4.77 -24.37
N PRO A 54 12.88 -3.58 -23.79
CA PRO A 54 12.08 -2.41 -24.15
C PRO A 54 12.42 -1.81 -25.50
N TYR A 55 11.41 -1.50 -26.30
CA TYR A 55 11.66 -0.74 -27.52
C TYR A 55 12.21 0.63 -27.15
N GLY A 56 13.20 1.08 -27.91
CA GLY A 56 13.81 2.37 -27.64
C GLY A 56 14.98 2.26 -26.68
N GLY A 57 15.21 1.04 -26.19
CA GLY A 57 16.32 0.78 -25.31
C GLY A 57 16.02 1.15 -23.87
N GLY A 58 17.02 0.96 -23.02
CA GLY A 58 16.86 1.29 -21.62
C GLY A 58 17.03 0.09 -20.72
N PRO A 59 17.04 0.31 -19.41
CA PRO A 59 17.28 -0.75 -18.43
C PRO A 59 16.03 -1.57 -18.14
N GLY A 60 16.24 -2.77 -17.62
CA GLY A 60 15.12 -3.61 -17.24
C GLY A 60 14.38 -4.16 -18.44
N MET A 61 13.19 -4.68 -18.15
CA MET A 61 12.41 -5.44 -19.13
C MET A 61 10.96 -4.99 -19.07
N VAL A 62 10.19 -5.33 -20.10
CA VAL A 62 8.79 -4.93 -20.19
C VAL A 62 7.95 -6.19 -20.33
N MET A 63 6.79 -6.25 -19.67
CA MET A 63 6.00 -7.48 -19.81
C MET A 63 5.30 -7.54 -21.16
N LYS A 64 5.32 -8.74 -21.73
CA LYS A 64 4.81 -8.99 -23.08
C LYS A 64 3.30 -8.76 -23.22
N PRO A 65 2.89 -8.03 -24.27
CA PRO A 65 1.45 -7.79 -24.47
C PRO A 65 0.67 -9.06 -24.85
N THR A 66 1.32 -9.97 -25.56
CA THR A 66 0.59 -11.15 -26.03
C THR A 66 0.08 -12.01 -24.86
N VAL A 67 0.90 -12.16 -23.83
CA VAL A 67 0.54 -12.99 -22.68
C VAL A 67 -0.58 -12.33 -21.88
N TRP A 68 -0.40 -11.05 -21.58
CA TRP A 68 -1.44 -10.30 -20.88
C TRP A 68 -2.75 -10.22 -21.65
N GLY A 69 -2.67 -10.06 -22.97
CA GLY A 69 -3.86 -9.97 -23.79
C GLY A 69 -4.70 -11.23 -23.67
N ASP A 70 -4.04 -12.39 -23.71
CA ASP A 70 -4.76 -13.65 -23.58
C ASP A 70 -5.36 -13.83 -22.19
N ALA A 71 -4.61 -13.44 -21.16
CA ALA A 71 -5.10 -13.59 -19.80
C ALA A 71 -6.33 -12.73 -19.57
N LEU A 72 -6.25 -11.47 -19.96
CA LEU A 72 -7.35 -10.56 -19.74
C LEU A 72 -8.56 -10.91 -20.61
N ASP A 73 -8.30 -11.41 -21.82
CA ASP A 73 -9.40 -11.85 -22.67
C ASP A 73 -10.24 -12.91 -21.98
N GLU A 74 -9.56 -13.82 -21.27
CA GLU A 74 -10.24 -14.93 -20.62
C GLU A 74 -10.96 -14.51 -19.34
N ILE A 75 -10.33 -13.60 -18.60
CA ILE A 75 -10.78 -13.26 -17.26
CA ILE A 75 -10.79 -13.26 -17.26
C ILE A 75 -11.79 -12.10 -17.27
N CYS A 76 -11.57 -11.14 -18.14
CA CYS A 76 -12.41 -9.94 -18.12
C CYS A 76 -13.68 -10.08 -18.94
N THR A 77 -14.70 -9.31 -18.57
CA THR A 77 -15.84 -9.10 -19.44
C THR A 77 -16.04 -7.60 -19.66
N SER A 78 -17.06 -7.23 -20.42
CA SER A 78 -17.37 -5.81 -20.62
C SER A 78 -17.71 -5.09 -19.31
N GLU A 79 -18.09 -5.85 -18.28
CA GLU A 79 -18.52 -5.26 -17.02
C GLU A 79 -17.37 -5.10 -16.02
N THR A 80 -16.22 -5.66 -16.37
CA THR A 80 -15.03 -5.62 -15.51
C THR A 80 -14.47 -4.22 -15.32
N LEU A 81 -14.10 -3.89 -14.09
CA LEU A 81 -13.22 -2.76 -13.85
C LEU A 81 -11.79 -3.30 -13.75
N LEU A 82 -10.96 -2.98 -14.75
CA LEU A 82 -9.59 -3.46 -14.77
C LEU A 82 -8.70 -2.48 -14.04
N VAL A 83 -8.07 -2.95 -12.98
CA VAL A 83 -7.19 -2.13 -12.15
C VAL A 83 -5.74 -2.50 -12.42
N VAL A 84 -4.93 -1.52 -12.81
CA VAL A 84 -3.54 -1.78 -13.14
C VAL A 84 -2.63 -0.93 -12.28
N PRO A 85 -2.07 -1.52 -11.21
CA PRO A 85 -1.15 -0.73 -10.41
C PRO A 85 0.07 -0.29 -11.20
N THR A 86 0.52 0.93 -10.94
CA THR A 86 1.72 1.44 -11.60
C THR A 86 2.14 2.72 -10.88
N PRO A 87 3.45 2.94 -10.76
CA PRO A 87 3.93 4.18 -10.12
C PRO A 87 3.47 5.43 -10.88
N ALA A 88 3.13 5.25 -12.16
CA ALA A 88 2.71 6.37 -13.00
C ALA A 88 1.20 6.49 -13.08
N GLY A 89 0.48 5.85 -12.17
CA GLY A 89 -0.98 5.86 -12.24
C GLY A 89 -1.62 7.07 -11.60
N TYR A 90 -2.93 7.22 -11.82
CA TYR A 90 -3.72 8.16 -11.03
C TYR A 90 -3.67 7.73 -9.56
N PRO A 91 -3.75 8.70 -8.64
CA PRO A 91 -3.72 8.34 -7.22
C PRO A 91 -4.93 7.54 -6.74
N PHE A 92 -4.66 6.41 -6.10
CA PHE A 92 -5.68 5.63 -5.41
C PHE A 92 -5.93 6.24 -4.05
N THR A 93 -7.15 6.70 -3.81
CA THR A 93 -7.49 7.31 -2.52
C THR A 93 -8.70 6.64 -1.89
N GLN A 94 -9.05 7.09 -0.69
CA GLN A 94 -10.24 6.57 -0.03
C GLN A 94 -11.49 6.75 -0.89
N GLU A 95 -11.54 7.84 -1.62
CA GLU A 95 -12.69 8.09 -2.50
C GLU A 95 -12.75 7.01 -3.58
N THR A 96 -11.58 6.64 -4.10
CA THR A 96 -11.48 5.58 -5.09
C THR A 96 -11.98 4.27 -4.47
N ALA A 97 -11.51 3.97 -3.28
CA ALA A 97 -11.90 2.73 -2.60
C ALA A 97 -13.41 2.66 -2.43
N TRP A 98 -14.04 3.78 -2.04
CA TRP A 98 -15.50 3.82 -1.92
C TRP A 98 -16.18 3.55 -3.26
N GLN A 99 -15.66 4.18 -4.32
CA GLN A 99 -16.24 4.00 -5.65
C GLN A 99 -16.17 2.54 -6.08
N TRP A 100 -15.02 1.91 -5.85
CA TRP A 100 -14.81 0.55 -6.33
C TRP A 100 -15.53 -0.49 -5.47
N SER A 101 -15.95 -0.09 -4.27
CA SER A 101 -16.51 -1.04 -3.31
C SER A 101 -17.89 -1.56 -3.78
N THR A 102 -18.49 -0.89 -4.74
CA THR A 102 -19.79 -1.36 -5.22
C THR A 102 -19.69 -2.04 -6.59
N GLU A 103 -18.47 -2.28 -7.05
CA GLU A 103 -18.27 -2.98 -8.33
C GLU A 103 -18.57 -4.48 -8.25
N ASP A 104 -19.12 -5.03 -9.33
CA ASP A 104 -19.37 -6.47 -9.39
C ASP A 104 -18.10 -7.28 -9.62
N HIS A 105 -17.16 -6.73 -10.38
CA HIS A 105 -16.00 -7.48 -10.81
C HIS A 105 -14.78 -6.59 -10.95
N LEU A 106 -13.82 -6.78 -10.06
CA LEU A 106 -12.51 -6.14 -10.22
C LEU A 106 -11.50 -7.15 -10.72
N VAL A 107 -10.70 -6.75 -11.70
CA VAL A 107 -9.56 -7.55 -12.12
C VAL A 107 -8.32 -6.72 -11.90
N ILE A 108 -7.40 -7.24 -11.09
CA ILE A 108 -6.17 -6.51 -10.80
C ILE A 108 -5.00 -7.16 -11.51
N ALA A 109 -4.42 -6.42 -12.44
CA ALA A 109 -3.32 -6.91 -13.25
C ALA A 109 -2.00 -6.48 -12.65
N CYS A 110 -1.28 -7.42 -12.02
CA CYS A 110 -0.03 -7.07 -11.33
C CYS A 110 1.17 -7.23 -12.22
N GLY A 111 1.87 -6.13 -12.46
CA GLY A 111 3.06 -6.17 -13.27
C GLY A 111 4.30 -6.47 -12.43
N ARG A 112 5.39 -6.77 -13.13
CA ARG A 112 6.71 -6.90 -12.53
C ARG A 112 7.69 -6.28 -13.51
N TYR A 113 8.99 -6.47 -13.28
CA TYR A 113 10.00 -5.86 -14.15
C TYR A 113 9.80 -4.35 -14.20
N GLU A 114 9.76 -3.78 -15.39
CA GLU A 114 9.58 -2.32 -15.52
C GLU A 114 8.16 -1.93 -15.93
N GLY A 115 7.23 -2.88 -15.86
CA GLY A 115 5.84 -2.59 -16.16
C GLY A 115 5.31 -3.38 -17.33
N ILE A 116 4.11 -3.04 -17.77
CA ILE A 116 3.42 -3.80 -18.82
C ILE A 116 3.33 -2.96 -20.09
N ASP A 117 3.60 -3.59 -21.23
CA ASP A 117 3.43 -2.94 -22.53
C ASP A 117 2.13 -2.15 -22.53
N GLN A 118 2.20 -0.85 -22.86
CA GLN A 118 1.05 0.03 -22.75
C GLN A 118 -0.14 -0.39 -23.61
N ARG A 119 0.10 -1.18 -24.66
CA ARG A 119 -1.01 -1.58 -25.51
C ARG A 119 -2.00 -2.49 -24.82
N VAL A 120 -1.57 -3.17 -23.76
CA VAL A 120 -2.48 -4.05 -23.02
C VAL A 120 -3.64 -3.22 -22.44
N ALA A 121 -3.30 -2.18 -21.67
CA ALA A 121 -4.29 -1.30 -21.09
C ALA A 121 -5.09 -0.57 -22.18
N ASP A 122 -4.39 -0.10 -23.21
CA ASP A 122 -5.03 0.67 -24.26
C ASP A 122 -6.05 -0.19 -25.02
N ASP A 123 -5.68 -1.43 -25.33
CA ASP A 123 -6.62 -2.35 -25.98
C ASP A 123 -7.80 -2.65 -25.06
N ALA A 124 -7.51 -2.96 -23.80
CA ALA A 124 -8.58 -3.27 -22.86
C ALA A 124 -9.57 -2.11 -22.72
N ALA A 125 -9.05 -0.88 -22.77
CA ALA A 125 -9.88 0.30 -22.56
C ALA A 125 -10.89 0.51 -23.68
N THR A 126 -10.74 -0.21 -24.79
CA THR A 126 -11.70 -0.09 -25.88
C THR A 126 -12.94 -0.94 -25.64
N ARG A 127 -12.93 -1.77 -24.61
CA ARG A 127 -14.13 -2.56 -24.34
C ARG A 127 -14.47 -2.72 -22.87
N MET A 128 -13.67 -2.14 -21.99
CA MET A 128 -13.99 -2.15 -20.58
C MET A 128 -13.41 -0.93 -19.89
N ARG A 129 -13.83 -0.67 -18.65
CA ARG A 129 -13.24 0.42 -17.89
C ARG A 129 -11.87 0.01 -17.34
N VAL A 130 -10.86 0.86 -17.55
CA VAL A 130 -9.52 0.57 -17.09
C VAL A 130 -9.04 1.69 -16.17
N ARG A 131 -8.40 1.33 -15.08
CA ARG A 131 -7.87 2.30 -14.12
C ARG A 131 -6.41 2.01 -13.78
N GLU A 132 -5.49 2.83 -14.30
CA GLU A 132 -4.10 2.75 -13.91
C GLU A 132 -3.94 3.56 -12.65
N VAL A 133 -3.45 2.93 -11.58
CA VAL A 133 -3.42 3.64 -10.31
C VAL A 133 -2.13 3.45 -9.54
N SER A 134 -1.75 4.49 -8.80
CA SER A 134 -0.62 4.46 -7.88
CA SER A 134 -0.62 4.42 -7.88
C SER A 134 -1.14 4.49 -6.45
N ILE A 135 -0.52 3.73 -5.54
CA ILE A 135 -0.99 3.75 -4.14
C ILE A 135 -0.19 4.69 -3.24
N GLY A 136 0.81 5.34 -3.81
CA GLY A 136 1.62 6.27 -3.04
C GLY A 136 2.89 6.64 -3.79
N ASP A 137 3.57 7.67 -3.30
CA ASP A 137 4.71 8.18 -4.03
C ASP A 137 6.02 7.49 -3.67
N TYR A 138 6.06 6.19 -3.94
CA TYR A 138 7.25 5.37 -3.75
C TYR A 138 7.16 4.30 -4.83
N VAL A 139 8.27 3.62 -5.05
CA VAL A 139 8.38 2.60 -6.10
C VAL A 139 8.48 1.23 -5.48
N LEU A 140 7.61 0.32 -5.90
CA LEU A 140 7.65 -1.07 -5.47
C LEU A 140 8.36 -1.92 -6.51
N ASN A 141 8.56 -3.20 -6.22
CA ASN A 141 9.13 -4.11 -7.22
C ASN A 141 8.09 -4.58 -8.23
N GLY A 142 6.82 -4.49 -7.87
CA GLY A 142 5.76 -4.96 -8.74
C GLY A 142 4.40 -4.63 -8.17
N GLY A 143 3.35 -5.08 -8.83
CA GLY A 143 1.99 -4.68 -8.49
C GLY A 143 1.37 -5.41 -7.31
N GLU A 144 2.01 -6.46 -6.82
CA GLU A 144 1.35 -7.33 -5.84
C GLU A 144 1.09 -6.64 -4.49
N ALA A 145 2.07 -5.90 -3.96
CA ALA A 145 1.82 -5.22 -2.68
C ALA A 145 0.72 -4.16 -2.85
N ALA A 146 0.66 -3.53 -4.03
CA ALA A 146 -0.39 -2.57 -4.32
C ALA A 146 -1.74 -3.26 -4.38
N ALA A 147 -1.79 -4.45 -4.97
CA ALA A 147 -3.04 -5.18 -5.00
C ALA A 147 -3.53 -5.51 -3.59
N LEU A 148 -2.60 -5.89 -2.71
CA LEU A 148 -2.97 -6.18 -1.31
C LEU A 148 -3.60 -4.98 -0.64
N VAL A 149 -2.98 -3.82 -0.84
CA VAL A 149 -3.47 -2.58 -0.28
C VAL A 149 -4.85 -2.21 -0.85
N ILE A 150 -4.99 -2.32 -2.17
CA ILE A 150 -6.26 -2.00 -2.81
C ILE A 150 -7.38 -2.94 -2.35
N ILE A 151 -7.10 -4.23 -2.33
CA ILE A 151 -8.12 -5.19 -1.93
C ILE A 151 -8.55 -4.91 -0.49
N GLU A 152 -7.60 -4.64 0.39
CA GLU A 152 -7.96 -4.39 1.79
C GLU A 152 -8.76 -3.10 1.95
N ALA A 153 -8.33 -2.03 1.27
CA ALA A 153 -9.01 -0.74 1.42
C ALA A 153 -10.41 -0.79 0.83
N VAL A 154 -10.59 -1.57 -0.24
CA VAL A 154 -11.89 -1.66 -0.88
C VAL A 154 -12.83 -2.58 -0.09
N LEU A 155 -12.35 -3.76 0.27
CA LEU A 155 -13.24 -4.75 0.89
C LEU A 155 -13.66 -4.37 2.30
N ARG A 156 -12.88 -3.54 2.98
CA ARG A 156 -13.31 -3.13 4.32
C ARG A 156 -14.51 -2.17 4.25
N LEU A 157 -14.80 -1.66 3.06
CA LEU A 157 -15.98 -0.82 2.83
C LEU A 157 -17.20 -1.60 2.35
N VAL A 158 -17.02 -2.88 2.05
CA VAL A 158 -18.16 -3.72 1.68
C VAL A 158 -18.72 -4.35 2.94
N PRO A 159 -19.96 -4.01 3.28
CA PRO A 159 -20.59 -4.46 4.53
C PRO A 159 -20.42 -5.95 4.79
N GLY A 160 -19.80 -6.28 5.92
CA GLY A 160 -19.67 -7.65 6.38
C GLY A 160 -18.62 -8.51 5.70
N VAL A 161 -17.68 -7.91 4.99
CA VAL A 161 -16.70 -8.71 4.29
C VAL A 161 -15.46 -9.04 5.13
N LEU A 162 -14.85 -8.04 5.76
CA LEU A 162 -13.57 -8.26 6.42
C LEU A 162 -13.65 -8.42 7.95
N GLY A 163 -14.85 -8.30 8.51
CA GLY A 163 -15.02 -8.43 9.94
C GLY A 163 -14.94 -7.11 10.68
N ASN A 164 -14.56 -6.06 9.96
CA ASN A 164 -14.52 -4.72 10.52
C ASN A 164 -15.90 -4.08 10.51
N ALA A 165 -16.14 -3.15 11.44
CA ALA A 165 -17.44 -2.49 11.54
C ALA A 165 -17.29 -0.98 11.48
N SER A 179 -10.27 17.82 4.88
CA SER A 179 -10.27 16.76 5.88
C SER A 179 -9.10 16.93 6.85
N LEU A 180 -9.23 16.35 8.04
CA LEU A 180 -8.18 16.43 9.05
C LEU A 180 -7.71 15.04 9.45
N LEU A 181 -6.51 14.97 10.01
CA LEU A 181 -6.02 13.73 10.56
C LEU A 181 -6.68 13.43 11.91
N GLU A 182 -6.84 12.13 12.22
CA GLU A 182 -7.27 11.73 13.56
C GLU A 182 -6.17 12.03 14.57
N GLY A 183 -6.55 12.53 15.74
CA GLY A 183 -5.59 12.77 16.80
C GLY A 183 -5.25 11.49 17.56
N PRO A 184 -4.50 11.63 18.67
CA PRO A 184 -4.07 10.47 19.46
C PRO A 184 -5.22 9.76 20.16
N SER A 185 -5.07 8.46 20.34
CA SER A 185 -6.05 7.65 21.06
CA SER A 185 -6.06 7.69 21.08
C SER A 185 -5.41 7.05 22.30
N TYR A 186 -6.23 6.80 23.32
CA TYR A 186 -5.74 6.25 24.56
C TYR A 186 -6.69 5.19 25.09
N THR A 187 -6.15 4.20 25.80
CA THR A 187 -6.99 3.27 26.53
C THR A 187 -6.35 2.91 27.86
N ARG A 188 -6.93 1.96 28.59
CA ARG A 188 -6.36 1.52 29.86
C ARG A 188 -4.90 1.04 29.71
N PRO A 189 -4.06 1.26 30.71
CA PRO A 189 -4.34 1.86 32.03
C PRO A 189 -4.25 3.39 31.99
N PRO A 190 -4.86 4.08 32.97
CA PRO A 190 -4.87 5.55 32.97
C PRO A 190 -3.47 6.15 33.13
N SER A 191 -2.56 5.41 33.76
CA SER A 191 -1.17 5.83 33.86
CA SER A 191 -1.17 5.83 33.89
C SER A 191 -0.24 4.71 33.44
N TRP A 192 0.76 5.04 32.63
CA TRP A 192 1.66 4.04 32.09
C TRP A 192 3.04 4.63 31.77
N ARG A 193 4.07 4.03 32.36
CA ARG A 193 5.45 4.51 32.24
C ARG A 193 5.56 6.01 32.40
N GLY A 194 4.84 6.54 33.39
CA GLY A 194 4.92 7.94 33.73
C GLY A 194 4.07 8.85 32.87
N MET A 195 3.29 8.27 31.97
CA MET A 195 2.44 9.07 31.09
C MET A 195 0.97 8.83 31.40
N ASP A 196 0.27 9.89 31.77
CA ASP A 196 -1.15 9.82 32.08
C ASP A 196 -1.98 10.11 30.85
N VAL A 197 -3.10 9.42 30.72
CA VAL A 197 -4.08 9.78 29.71
C VAL A 197 -4.55 11.21 29.99
N PRO A 198 -4.68 12.04 28.94
CA PRO A 198 -5.14 13.41 29.14
C PRO A 198 -6.42 13.46 29.97
N PRO A 199 -6.38 14.18 31.11
CA PRO A 199 -7.50 14.18 32.05
C PRO A 199 -8.84 14.55 31.43
N VAL A 200 -8.82 15.37 30.38
CA VAL A 200 -10.07 15.80 29.76
C VAL A 200 -10.88 14.57 29.30
N LEU A 201 -10.19 13.50 28.89
CA LEU A 201 -10.87 12.33 28.34
C LEU A 201 -11.64 11.57 29.42
N LEU A 202 -11.27 11.82 30.67
CA LEU A 202 -11.93 11.16 31.79
C LEU A 202 -12.90 12.09 32.52
N SER A 203 -13.16 13.26 31.93
CA SER A 203 -13.93 14.32 32.58
C SER A 203 -15.45 14.16 32.55
N GLY A 204 -15.95 13.37 31.61
CA GLY A 204 -17.39 13.26 31.39
C GLY A 204 -18.02 14.53 30.83
N ASP A 205 -17.20 15.45 30.34
CA ASP A 205 -17.67 16.64 29.65
C ASP A 205 -17.49 16.39 28.17
N HIS A 206 -18.54 15.87 27.53
CA HIS A 206 -18.36 15.33 26.19
C HIS A 206 -18.28 16.41 25.13
N ALA A 207 -18.83 17.61 25.40
CA ALA A 207 -18.63 18.72 24.48
C ALA A 207 -17.17 19.17 24.51
N LYS A 208 -16.61 19.26 25.71
CA LYS A 208 -15.21 19.65 25.86
C LYS A 208 -14.26 18.62 25.25
N ILE A 209 -14.55 17.34 25.45
CA ILE A 209 -13.76 16.28 24.84
C ILE A 209 -13.75 16.42 23.33
N ALA A 210 -14.90 16.69 22.74
CA ALA A 210 -14.94 16.85 21.27
C ALA A 210 -14.07 18.03 20.83
N ALA A 211 -14.12 19.12 21.59
CA ALA A 211 -13.33 20.31 21.24
C ALA A 211 -11.83 20.02 21.39
N TRP A 212 -11.48 19.25 22.41
CA TRP A 212 -10.08 18.90 22.63
C TRP A 212 -9.59 18.03 21.49
N ARG A 213 -10.41 17.06 21.11
CA ARG A 213 -10.05 16.18 20.01
C ARG A 213 -9.92 16.95 18.69
N ALA A 214 -10.81 17.92 18.48
CA ALA A 214 -10.74 18.73 17.28
C ALA A 214 -9.42 19.52 17.23
N GLU A 215 -9.02 20.10 18.35
CA GLU A 215 -7.77 20.86 18.38
C GLU A 215 -6.56 19.93 18.21
N GLN A 216 -6.62 18.72 18.78
CA GLN A 216 -5.53 17.77 18.59
C GLN A 216 -5.40 17.42 17.11
N SER A 217 -6.54 17.23 16.45
CA SER A 217 -6.58 16.95 15.03
CA SER A 217 -6.56 16.95 15.02
C SER A 217 -5.98 18.11 14.23
N ARG A 218 -6.39 19.32 14.56
CA ARG A 218 -5.88 20.50 13.87
C ARG A 218 -4.37 20.58 14.02
N GLN A 219 -3.86 20.42 15.23
CA GLN A 219 -2.41 20.51 15.47
C GLN A 219 -1.64 19.42 14.72
N ARG A 220 -2.16 18.18 14.77
CA ARG A 220 -1.48 17.09 14.11
C ARG A 220 -1.45 17.27 12.59
N THR A 221 -2.53 17.80 12.05
CA THR A 221 -2.62 18.00 10.61
C THR A 221 -1.63 19.08 10.18
N ILE A 222 -1.51 20.14 11.00
CA ILE A 222 -0.53 21.19 10.68
C ILE A 222 0.90 20.63 10.66
N GLU A 223 1.23 19.82 11.66
CA GLU A 223 2.56 19.27 11.81
C GLU A 223 2.90 18.22 10.77
N ARG A 224 1.94 17.34 10.47
CA ARG A 224 2.24 16.16 9.65
C ARG A 224 1.79 16.27 8.20
N ARG A 225 0.72 17.02 7.98
CA ARG A 225 0.10 17.08 6.65
C ARG A 225 -0.42 18.48 6.34
N PRO A 226 0.49 19.48 6.30
CA PRO A 226 0.03 20.85 6.04
C PRO A 226 -0.65 20.97 4.67
N ASP A 227 -0.36 20.01 3.79
CA ASP A 227 -0.98 19.95 2.47
C ASP A 227 -2.50 19.81 2.53
N LEU A 228 -3.01 19.35 3.66
CA LEU A 228 -4.44 19.13 3.83
C LEU A 228 -5.18 20.40 4.25
N LEU A 229 -4.42 21.47 4.47
CA LEU A 229 -4.98 22.73 4.93
C LEU A 229 -4.77 23.83 3.89
N SER B 2 24.10 -4.12 5.46
CA SER B 2 23.40 -5.09 6.29
C SER B 2 22.24 -4.42 7.03
N MET B 3 21.04 -4.95 6.85
CA MET B 3 19.87 -4.43 7.54
C MET B 3 19.06 -5.54 8.23
N LYS B 4 18.63 -5.26 9.45
CA LYS B 4 17.70 -6.13 10.16
C LYS B 4 16.33 -5.47 10.21
N ILE B 5 15.28 -6.20 9.84
CA ILE B 5 13.92 -5.68 9.99
C ILE B 5 13.11 -6.63 10.88
N ASP B 6 12.56 -6.08 11.98
CA ASP B 6 11.63 -6.84 12.81
C ASP B 6 10.22 -6.29 12.63
N VAL B 7 9.26 -7.18 12.40
CA VAL B 7 7.87 -6.75 12.25
C VAL B 7 7.05 -7.34 13.39
N VAL B 8 6.30 -6.50 14.10
CA VAL B 8 5.52 -6.98 15.24
C VAL B 8 4.03 -6.84 14.94
N THR B 9 3.26 -7.92 15.14
CA THR B 9 1.90 -7.98 14.65
C THR B 9 1.10 -9.04 15.39
N ILE B 10 -0.22 -8.88 15.47
CA ILE B 10 -1.05 -9.96 15.99
C ILE B 10 -1.51 -10.92 14.89
N PHE B 11 -1.06 -10.64 13.66
CA PHE B 11 -1.33 -11.50 12.51
C PHE B 11 -0.07 -11.84 11.73
N PRO B 12 0.85 -12.61 12.35
CA PRO B 12 2.13 -12.93 11.69
C PRO B 12 1.97 -13.65 10.35
N GLU B 13 0.88 -14.39 10.17
CA GLU B 13 0.61 -15.08 8.91
C GLU B 13 0.54 -14.13 7.71
N TYR B 14 -0.05 -12.95 7.92
CA TYR B 14 -0.20 -11.98 6.85
CA TYR B 14 -0.19 -11.95 6.86
C TYR B 14 1.16 -11.55 6.28
N LEU B 15 2.22 -11.69 7.09
CA LEU B 15 3.54 -11.23 6.65
C LEU B 15 4.33 -12.27 5.84
N GLN B 16 3.74 -13.44 5.61
CA GLN B 16 4.38 -14.49 4.83
C GLN B 16 4.96 -14.09 3.46
N PRO B 17 4.33 -13.13 2.74
CA PRO B 17 4.94 -12.72 1.46
C PRO B 17 6.38 -12.20 1.52
N VAL B 18 7.00 -12.19 2.70
CA VAL B 18 8.40 -11.78 2.82
C VAL B 18 9.33 -12.94 2.43
N GLY B 30 21.11 -12.26 1.97
CA GLY B 30 22.06 -12.31 3.06
C GLY B 30 22.41 -10.94 3.61
N LEU B 31 22.16 -9.91 2.82
CA LEU B 31 22.46 -8.54 3.22
C LEU B 31 21.34 -7.96 4.07
N VAL B 32 20.26 -8.72 4.23
CA VAL B 32 19.13 -8.25 5.03
C VAL B 32 18.34 -9.41 5.63
N ASP B 33 18.06 -9.32 6.93
CA ASP B 33 17.24 -10.31 7.62
C ASP B 33 15.90 -9.70 8.04
N VAL B 34 14.82 -10.42 7.78
CA VAL B 34 13.49 -9.97 8.20
C VAL B 34 12.87 -11.00 9.13
N ALA B 35 12.45 -10.57 10.31
CA ALA B 35 11.86 -11.46 11.30
C ALA B 35 10.48 -10.96 11.68
N VAL B 36 9.53 -11.88 11.84
CA VAL B 36 8.18 -11.50 12.20
C VAL B 36 7.82 -12.05 13.59
N HIS B 37 7.27 -11.18 14.43
CA HIS B 37 6.94 -11.53 15.80
C HIS B 37 5.46 -11.40 16.11
N ASP B 38 4.92 -12.41 16.78
CA ASP B 38 3.54 -12.40 17.26
C ASP B 38 3.45 -11.56 18.53
N LEU B 39 2.73 -10.44 18.48
CA LEU B 39 2.61 -9.55 19.64
C LEU B 39 2.04 -10.27 20.86
N ARG B 40 1.16 -11.24 20.64
CA ARG B 40 0.46 -11.90 21.75
C ARG B 40 1.42 -12.72 22.61
N ARG B 41 2.61 -12.97 22.08
CA ARG B 41 3.65 -13.70 22.82
C ARG B 41 4.09 -12.93 24.07
N TRP B 42 3.77 -11.64 24.12
CA TRP B 42 4.14 -10.81 25.26
C TRP B 42 2.97 -10.52 26.22
N THR B 43 1.85 -11.20 26.04
CA THR B 43 0.74 -11.10 26.99
C THR B 43 0.92 -12.09 28.12
N HIS B 44 0.36 -11.78 29.28
CA HIS B 44 0.46 -12.65 30.44
C HIS B 44 -0.86 -13.39 30.72
N ASP B 45 -1.97 -12.69 30.47
CA ASP B 45 -3.30 -13.25 30.75
C ASP B 45 -3.66 -14.37 29.77
N VAL B 46 -4.59 -15.23 30.19
CA VAL B 46 -4.99 -16.37 29.38
C VAL B 46 -5.87 -15.93 28.21
N SER B 49 -5.95 -10.18 26.18
CA SER B 49 -6.65 -9.12 25.44
C SER B 49 -5.72 -7.95 25.15
N VAL B 50 -5.44 -7.73 23.87
CA VAL B 50 -4.51 -6.68 23.48
C VAL B 50 -5.18 -5.32 23.31
N ASP B 51 -6.51 -5.27 23.46
CA ASP B 51 -7.29 -4.07 23.15
C ASP B 51 -8.36 -3.71 24.19
N ASP B 52 -8.74 -2.44 24.22
CA ASP B 52 -9.83 -2.00 25.10
C ASP B 52 -10.48 -0.75 24.52
N SER B 53 -11.61 -0.33 25.08
CA SER B 53 -12.36 0.83 24.57
C SER B 53 -11.55 2.09 24.77
N PRO B 54 -11.77 3.09 23.90
CA PRO B 54 -11.00 4.35 24.01
C PRO B 54 -11.47 5.20 25.18
N TYR B 55 -10.52 5.77 25.91
CA TYR B 55 -10.84 6.83 26.84
C TYR B 55 -11.45 8.00 26.07
N GLY B 56 -12.50 8.57 26.66
CA GLY B 56 -13.20 9.70 26.05
C GLY B 56 -14.28 9.30 25.08
N GLY B 57 -14.40 8.00 24.86
CA GLY B 57 -15.47 7.51 23.99
C GLY B 57 -15.09 7.41 22.53
N GLY B 58 -16.01 6.89 21.74
CA GLY B 58 -15.79 6.70 20.31
C GLY B 58 -15.96 5.26 19.92
N PRO B 59 -16.06 5.00 18.61
CA PRO B 59 -16.27 3.64 18.13
C PRO B 59 -14.99 2.81 18.15
N GLY B 60 -15.14 1.49 18.20
CA GLY B 60 -14.01 0.59 18.07
C GLY B 60 -13.13 0.50 19.30
N MET B 61 -11.94 -0.04 19.11
CA MET B 61 -11.07 -0.39 20.21
C MET B 61 -9.68 0.14 19.94
N VAL B 62 -8.88 0.27 20.99
CA VAL B 62 -7.52 0.78 20.90
C VAL B 62 -6.56 -0.27 21.46
N MET B 63 -5.41 -0.45 20.84
CA MET B 63 -4.46 -1.42 21.43
C MET B 63 -3.82 -0.84 22.70
N LYS B 64 -3.82 -1.67 23.75
CA LYS B 64 -3.24 -1.29 25.04
C LYS B 64 -1.73 -1.08 24.93
N PRO B 65 -1.20 -0.09 25.66
CA PRO B 65 0.24 0.15 25.53
C PRO B 65 1.09 -0.92 26.22
N THR B 66 0.53 -1.56 27.23
CA THR B 66 1.29 -2.49 28.08
C THR B 66 1.98 -3.60 27.29
N VAL B 67 1.20 -4.29 26.46
CA VAL B 67 1.76 -5.38 25.68
C VAL B 67 2.81 -4.89 24.68
N TRP B 68 2.54 -3.76 24.03
CA TRP B 68 3.51 -3.18 23.11
C TRP B 68 4.82 -2.80 23.79
N GLY B 69 4.73 -2.18 24.96
CA GLY B 69 5.91 -1.76 25.70
C GLY B 69 6.84 -2.93 25.97
N ASP B 70 6.28 -4.06 26.38
CA ASP B 70 7.10 -5.23 26.68
C ASP B 70 7.75 -5.80 25.43
N ALA B 71 7.00 -5.87 24.34
CA ALA B 71 7.54 -6.36 23.09
C ALA B 71 8.68 -5.47 22.58
N LEU B 72 8.46 -4.16 22.60
CA LEU B 72 9.44 -3.25 22.04
C LEU B 72 10.69 -3.19 22.92
N ASP B 73 10.50 -3.29 24.23
CA ASP B 73 11.60 -3.37 25.18
C ASP B 73 12.61 -4.44 24.77
N GLU B 74 12.09 -5.60 24.38
CA GLU B 74 12.94 -6.74 24.03
C GLU B 74 13.56 -6.60 22.65
N ILE B 75 12.78 -6.07 21.70
CA ILE B 75 13.18 -6.08 20.30
C ILE B 75 14.04 -4.88 19.91
N CYS B 76 13.79 -3.73 20.52
CA CYS B 76 14.43 -2.48 20.11
C CYS B 76 15.66 -2.14 20.92
N THR B 77 16.57 -1.37 20.32
CA THR B 77 17.65 -0.72 21.04
C THR B 77 17.58 0.77 20.77
N SER B 78 18.51 1.54 21.35
CA SER B 78 18.54 2.98 21.11
C SER B 78 18.88 3.33 19.67
N GLU B 79 19.38 2.35 18.92
CA GLU B 79 19.78 2.55 17.53
C GLU B 79 18.63 2.29 16.56
N THR B 80 17.60 1.62 17.06
CA THR B 80 16.45 1.24 16.26
C THR B 80 15.68 2.42 15.70
N LEU B 81 15.23 2.30 14.46
CA LEU B 81 14.22 3.19 13.92
C LEU B 81 12.87 2.50 14.02
N LEU B 82 12.02 3.00 14.92
CA LEU B 82 10.70 2.40 15.10
C LEU B 82 9.72 3.02 14.12
N VAL B 83 9.14 2.18 13.28
CA VAL B 83 8.21 2.60 12.24
C VAL B 83 6.80 2.17 12.61
N VAL B 84 5.88 3.12 12.67
CA VAL B 84 4.51 2.82 13.07
C VAL B 84 3.53 3.28 11.98
N PRO B 85 3.06 2.33 11.14
CA PRO B 85 2.05 2.76 10.17
C PRO B 85 0.77 3.24 10.85
N THR B 86 0.19 4.29 10.28
CA THR B 86 -1.06 4.86 10.75
C THR B 86 -1.60 5.81 9.70
N PRO B 87 -2.93 5.86 9.51
CA PRO B 87 -3.45 6.81 8.52
C PRO B 87 -3.14 8.26 8.89
N ALA B 88 -2.80 8.48 10.15
CA ALA B 88 -2.53 9.83 10.63
C ALA B 88 -1.04 10.15 10.64
N GLY B 89 -0.22 9.35 9.95
CA GLY B 89 1.22 9.53 9.99
C GLY B 89 1.77 10.59 9.06
N TYR B 90 3.06 10.87 9.20
CA TYR B 90 3.77 11.64 8.17
C TYR B 90 3.78 10.81 6.89
N PRO B 91 3.80 11.48 5.71
CA PRO B 91 3.81 10.66 4.49
C PRO B 91 5.11 9.88 4.29
N PHE B 92 4.96 8.60 3.95
CA PHE B 92 6.07 7.77 3.53
C PHE B 92 6.18 7.92 2.02
N THR B 93 7.31 8.45 1.57
CA THR B 93 7.58 8.65 0.14
C THR B 93 8.90 8.00 -0.28
N GLN B 94 9.24 8.15 -1.56
CA GLN B 94 10.48 7.58 -2.04
C GLN B 94 11.68 8.21 -1.33
N GLU B 95 11.54 9.47 -0.95
CA GLU B 95 12.58 10.12 -0.16
C GLU B 95 12.76 9.36 1.16
N THR B 96 11.65 9.01 1.79
CA THR B 96 11.70 8.26 3.04
C THR B 96 12.38 6.92 2.83
N ALA B 97 12.03 6.25 1.72
CA ALA B 97 12.62 4.94 1.43
C ALA B 97 14.14 5.06 1.26
N TRP B 98 14.60 6.08 0.55
CA TRP B 98 16.03 6.35 0.44
C TRP B 98 16.66 6.55 1.82
N GLN B 99 16.01 7.34 2.66
CA GLN B 99 16.55 7.63 3.98
C GLN B 99 16.66 6.36 4.83
N TRP B 100 15.62 5.54 4.81
CA TRP B 100 15.61 4.35 5.65
C TRP B 100 16.49 3.23 5.10
N SER B 101 16.87 3.33 3.82
CA SER B 101 17.62 2.26 3.18
C SER B 101 19.03 2.07 3.79
N THR B 102 19.51 3.07 4.51
CA THR B 102 20.84 2.96 5.12
C THR B 102 20.78 2.72 6.63
N GLU B 103 19.61 2.39 7.15
CA GLU B 103 19.46 2.07 8.57
C GLU B 103 19.91 0.66 8.88
N ASP B 104 20.48 0.45 10.08
CA ASP B 104 20.88 -0.87 10.52
C ASP B 104 19.69 -1.69 11.00
N HIS B 105 18.69 -1.02 11.57
CA HIS B 105 17.62 -1.75 12.24
C HIS B 105 16.27 -1.01 12.18
N LEU B 106 15.35 -1.59 11.42
CA LEU B 106 13.96 -1.13 11.37
C LEU B 106 13.09 -2.06 12.18
N VAL B 107 12.28 -1.50 13.07
CA VAL B 107 11.23 -2.28 13.71
C VAL B 107 9.88 -1.69 13.30
N ILE B 108 9.03 -2.53 12.70
CA ILE B 108 7.73 -2.05 12.25
C ILE B 108 6.63 -2.56 13.14
N ALA B 109 5.99 -1.65 13.85
CA ALA B 109 4.92 -2.00 14.79
C ALA B 109 3.58 -1.94 14.10
N CYS B 110 2.98 -3.09 13.82
CA CYS B 110 1.71 -3.13 13.09
C CYS B 110 0.51 -3.14 14.02
N GLY B 111 -0.30 -2.09 13.92
CA GLY B 111 -1.52 -2.01 14.71
C GLY B 111 -2.68 -2.72 14.05
N ARG B 112 -3.73 -2.92 14.83
CA ARG B 112 -5.03 -3.39 14.34
C ARG B 112 -6.09 -2.59 15.09
N TYR B 113 -7.36 -3.02 15.01
CA TYR B 113 -8.46 -2.30 15.66
C TYR B 113 -8.47 -0.86 15.15
N GLU B 114 -8.61 0.14 16.03
CA GLU B 114 -8.58 1.54 15.62
C GLU B 114 -7.24 2.19 15.87
N GLY B 115 -6.20 1.39 16.08
CA GLY B 115 -4.88 1.93 16.27
C GLY B 115 -4.31 1.62 17.64
N ILE B 116 -3.19 2.26 17.94
CA ILE B 116 -2.39 1.95 19.12
C ILE B 116 -2.40 3.16 20.06
N ASP B 117 -2.53 2.90 21.36
CA ASP B 117 -2.40 3.94 22.38
C ASP B 117 -1.19 4.82 22.10
N GLN B 118 -1.39 6.15 22.09
CA GLN B 118 -0.33 7.07 21.68
C GLN B 118 0.92 6.96 22.54
N ARG B 119 0.76 6.51 23.78
CA ARG B 119 1.91 6.46 24.69
C ARG B 119 2.97 5.44 24.26
N VAL B 120 2.61 4.48 23.43
CA VAL B 120 3.61 3.53 22.95
C VAL B 120 4.68 4.29 22.18
N ALA B 121 4.25 5.09 21.20
CA ALA B 121 5.18 5.88 20.42
C ALA B 121 5.88 6.92 21.29
N ASP B 122 5.14 7.55 22.20
CA ASP B 122 5.74 8.59 23.03
C ASP B 122 6.82 8.03 23.96
N ASP B 123 6.55 6.88 24.55
CA ASP B 123 7.52 6.21 25.41
C ASP B 123 8.75 5.77 24.62
N ALA B 124 8.52 5.20 23.44
CA ALA B 124 9.64 4.74 22.61
C ALA B 124 10.54 5.90 22.21
N ALA B 125 9.95 7.05 21.96
CA ALA B 125 10.70 8.21 21.49
C ALA B 125 11.64 8.75 22.56
N THR B 126 11.44 8.35 23.81
CA THR B 126 12.38 8.72 24.88
C THR B 126 13.68 7.94 24.79
N ARG B 127 13.74 6.88 23.99
CA ARG B 127 14.97 6.09 23.93
C ARG B 127 15.43 5.76 22.51
N MET B 128 14.57 6.00 21.52
CA MET B 128 14.94 5.74 20.12
C MET B 128 14.22 6.71 19.19
N ARG B 129 14.57 6.67 17.90
CA ARG B 129 13.86 7.47 16.89
C ARG B 129 12.57 6.75 16.48
N VAL B 130 11.48 7.52 16.41
CA VAL B 130 10.16 6.94 16.08
C VAL B 130 9.59 7.68 14.88
N ARG B 131 9.04 6.92 13.92
CA ARG B 131 8.39 7.53 12.77
C ARG B 131 6.99 6.95 12.59
N GLU B 132 5.96 7.74 12.89
CA GLU B 132 4.59 7.37 12.52
C GLU B 132 4.35 7.78 11.09
N VAL B 133 3.97 6.84 10.23
CA VAL B 133 3.89 7.14 8.80
C VAL B 133 2.65 6.57 8.15
N SER B 134 2.20 7.30 7.14
CA SER B 134 1.09 6.87 6.30
CA SER B 134 1.10 6.82 6.31
C SER B 134 1.62 6.48 4.92
N ILE B 135 1.12 5.40 4.33
CA ILE B 135 1.60 5.04 2.99
C ILE B 135 0.69 5.56 1.87
N GLY B 136 -0.38 6.26 2.23
CA GLY B 136 -1.31 6.78 1.25
C GLY B 136 -2.62 7.19 1.87
N ASP B 137 -3.40 7.99 1.15
CA ASP B 137 -4.61 8.55 1.71
C ASP B 137 -5.82 7.64 1.52
N TYR B 138 -5.73 6.47 2.15
CA TYR B 138 -6.80 5.48 2.20
C TYR B 138 -6.63 4.79 3.54
N VAL B 139 -7.66 4.09 3.99
CA VAL B 139 -7.61 3.42 5.29
C VAL B 139 -7.55 1.92 5.14
N LEU B 140 -6.55 1.31 5.78
CA LEU B 140 -6.41 -0.14 5.86
C LEU B 140 -7.09 -0.69 7.12
N ASN B 141 -7.16 -2.01 7.27
CA ASN B 141 -7.67 -2.57 8.52
C ASN B 141 -6.55 -2.72 9.56
N GLY B 142 -5.31 -2.57 9.14
CA GLY B 142 -4.19 -2.73 10.05
C GLY B 142 -2.88 -2.42 9.37
N GLY B 143 -1.78 -2.50 10.12
CA GLY B 143 -0.48 -2.06 9.64
C GLY B 143 0.28 -3.04 8.77
N GLU B 144 -0.21 -4.28 8.70
CA GLU B 144 0.53 -5.33 8.01
C GLU B 144 0.77 -5.06 6.52
N ALA B 145 -0.27 -4.64 5.80
CA ALA B 145 -0.11 -4.37 4.37
C ALA B 145 0.84 -3.19 4.18
N ALA B 146 0.76 -2.23 5.09
CA ALA B 146 1.68 -1.09 5.04
C ALA B 146 3.13 -1.52 5.28
N ALA B 147 3.32 -2.46 6.22
CA ALA B 147 4.65 -3.02 6.46
C ALA B 147 5.22 -3.66 5.20
N LEU B 148 4.39 -4.41 4.47
CA LEU B 148 4.88 -5.09 3.28
C LEU B 148 5.29 -4.05 2.23
N VAL B 149 4.51 -2.98 2.11
CA VAL B 149 4.82 -1.90 1.16
C VAL B 149 6.13 -1.22 1.55
N ILE B 150 6.27 -0.89 2.82
CA ILE B 150 7.47 -0.20 3.29
C ILE B 150 8.72 -1.07 3.09
N ILE B 151 8.61 -2.35 3.46
CA ILE B 151 9.73 -3.26 3.32
C ILE B 151 10.16 -3.35 1.86
N GLU B 152 9.19 -3.50 0.97
CA GLU B 152 9.52 -3.64 -0.44
C GLU B 152 10.20 -2.40 -1.00
N ALA B 153 9.66 -1.24 -0.63
CA ALA B 153 10.17 0.02 -1.17
C ALA B 153 11.57 0.32 -0.64
N VAL B 154 11.81 -0.07 0.61
CA VAL B 154 13.11 0.18 1.23
C VAL B 154 14.18 -0.82 0.74
N LEU B 155 13.84 -2.10 0.73
CA LEU B 155 14.86 -3.11 0.46
C LEU B 155 15.41 -3.04 -0.97
N ARG B 156 14.62 -2.54 -1.91
CA ARG B 156 15.12 -2.48 -3.29
C ARG B 156 16.15 -1.35 -3.47
N LEU B 157 16.32 -0.54 -2.42
CA LEU B 157 17.28 0.57 -2.45
C LEU B 157 18.53 0.28 -1.64
N VAL B 158 18.53 -0.79 -0.86
CA VAL B 158 19.68 -1.10 0.00
C VAL B 158 20.91 -1.36 -0.85
N PRO B 159 22.07 -0.78 -0.46
CA PRO B 159 23.30 -0.96 -1.24
C PRO B 159 23.62 -2.44 -1.40
N GLY B 160 23.77 -2.89 -2.63
CA GLY B 160 24.01 -4.30 -2.90
C GLY B 160 22.78 -5.01 -3.43
N VAL B 161 21.71 -4.26 -3.66
CA VAL B 161 20.49 -4.82 -4.23
C VAL B 161 20.15 -4.15 -5.56
N SER B 179 8.88 14.15 -8.43
CA SER B 179 9.52 14.59 -9.67
C SER B 179 8.62 14.42 -10.88
N LEU B 180 8.78 13.31 -11.60
CA LEU B 180 8.05 13.05 -12.83
C LEU B 180 7.61 11.60 -12.95
N LEU B 181 6.45 11.38 -13.57
CA LEU B 181 5.94 10.02 -13.78
C LEU B 181 6.57 9.39 -15.01
N GLU B 182 6.83 8.08 -14.94
CA GLU B 182 7.37 7.35 -16.06
C GLU B 182 6.34 7.30 -17.19
N GLY B 183 6.80 7.43 -18.43
CA GLY B 183 5.95 7.28 -19.58
C GLY B 183 5.66 5.82 -19.90
N PRO B 184 4.96 5.59 -21.01
CA PRO B 184 4.61 4.21 -21.39
C PRO B 184 5.80 3.43 -21.92
N SER B 185 5.77 2.11 -21.73
CA SER B 185 6.81 1.20 -22.23
CA SER B 185 6.82 1.24 -22.27
C SER B 185 6.21 0.22 -23.23
N TYR B 186 7.06 -0.27 -24.13
CA TYR B 186 6.65 -1.22 -25.17
C TYR B 186 7.69 -2.29 -25.41
N THR B 187 7.22 -3.45 -25.87
CA THR B 187 8.15 -4.49 -26.30
C THR B 187 7.51 -5.22 -27.48
N ARG B 188 8.14 -6.31 -27.92
CA ARG B 188 7.73 -6.99 -29.15
C ARG B 188 6.36 -7.68 -29.00
N PRO B 189 5.62 -7.80 -30.11
CA PRO B 189 5.89 -7.41 -31.49
C PRO B 189 5.61 -5.92 -31.75
N PRO B 190 6.17 -5.34 -32.83
CA PRO B 190 5.97 -3.91 -33.09
C PRO B 190 4.54 -3.56 -33.47
N SER B 191 3.80 -4.54 -33.97
CA SER B 191 2.36 -4.39 -34.18
CA SER B 191 2.37 -4.40 -34.21
C SER B 191 1.61 -5.52 -33.51
N TRP B 192 0.62 -5.16 -32.70
CA TRP B 192 -0.16 -6.13 -31.92
C TRP B 192 -1.64 -5.72 -31.87
N ARG B 193 -2.51 -6.61 -32.33
CA ARG B 193 -3.94 -6.33 -32.43
C ARG B 193 -4.21 -5.03 -33.19
N GLY B 194 -3.35 -4.72 -34.16
CA GLY B 194 -3.53 -3.54 -34.96
C GLY B 194 -3.10 -2.27 -34.26
N MET B 195 -2.37 -2.43 -33.16
CA MET B 195 -1.81 -1.30 -32.41
C MET B 195 -0.30 -1.26 -32.53
N ASP B 196 0.23 -0.13 -32.99
CA ASP B 196 1.67 0.00 -33.25
C ASP B 196 2.45 0.59 -32.10
N VAL B 197 3.64 0.06 -31.88
CA VAL B 197 4.63 0.73 -31.04
C VAL B 197 4.96 2.06 -31.72
N PRO B 198 4.98 3.18 -30.95
CA PRO B 198 5.34 4.48 -31.53
C PRO B 198 6.59 4.38 -32.39
N PRO B 199 6.50 4.82 -33.65
CA PRO B 199 7.58 4.63 -34.62
C PRO B 199 8.92 5.19 -34.15
N VAL B 200 8.90 6.28 -33.37
CA VAL B 200 10.16 6.85 -32.89
C VAL B 200 10.96 5.81 -32.09
N LEU B 201 10.28 4.93 -31.37
CA LEU B 201 10.99 3.95 -30.55
C LEU B 201 11.66 2.87 -31.40
N LEU B 202 11.26 2.77 -32.66
CA LEU B 202 11.83 1.80 -33.58
C LEU B 202 12.93 2.43 -34.41
N SER B 203 13.06 3.76 -34.30
CA SER B 203 13.92 4.54 -35.21
C SER B 203 15.41 4.41 -34.89
N GLY B 204 15.75 4.08 -33.66
CA GLY B 204 17.15 3.97 -33.26
C GLY B 204 17.81 5.31 -33.02
N ASP B 205 17.02 6.38 -33.09
CA ASP B 205 17.53 7.74 -32.87
C ASP B 205 17.45 8.10 -31.39
N HIS B 206 18.56 7.91 -30.69
CA HIS B 206 18.61 8.08 -29.23
C HIS B 206 18.10 9.45 -28.77
N ALA B 207 18.41 10.50 -29.52
CA ALA B 207 18.01 11.84 -29.12
C ALA B 207 16.50 12.05 -29.28
N LYS B 208 15.95 11.60 -30.40
CA LYS B 208 14.51 11.69 -30.62
C LYS B 208 13.73 10.80 -29.65
N ILE B 209 14.28 9.63 -29.34
CA ILE B 209 13.68 8.74 -28.33
C ILE B 209 13.74 9.38 -26.95
N ALA B 210 14.89 9.95 -26.60
CA ALA B 210 15.03 10.64 -25.32
C ALA B 210 14.01 11.75 -25.18
N ALA B 211 13.81 12.49 -26.27
CA ALA B 211 12.92 13.64 -26.26
C ALA B 211 11.46 13.23 -26.22
N TRP B 212 11.11 12.18 -26.97
CA TRP B 212 9.75 11.68 -26.98
C TRP B 212 9.36 11.15 -25.60
N ARG B 213 10.29 10.46 -24.95
CA ARG B 213 10.04 9.88 -23.63
C ARG B 213 9.89 10.97 -22.58
N ALA B 214 10.64 12.05 -22.76
CA ALA B 214 10.55 13.19 -21.85
C ALA B 214 9.18 13.85 -21.96
N GLU B 215 8.74 14.04 -23.20
CA GLU B 215 7.44 14.64 -23.49
C GLU B 215 6.32 13.75 -22.96
N GLN B 216 6.42 12.44 -23.18
CA GLN B 216 5.42 11.53 -22.64
C GLN B 216 5.32 11.61 -21.11
N SER B 217 6.47 11.65 -20.46
CA SER B 217 6.55 11.71 -19.00
CA SER B 217 6.52 11.70 -19.01
C SER B 217 5.92 12.99 -18.46
N ARG B 218 6.25 14.12 -19.06
CA ARG B 218 5.71 15.38 -18.60
C ARG B 218 4.21 15.46 -18.91
N GLN B 219 3.79 14.93 -20.06
CA GLN B 219 2.37 14.87 -20.40
C GLN B 219 1.57 13.98 -19.43
N ARG B 220 2.13 12.84 -19.07
CA ARG B 220 1.45 11.95 -18.15
C ARG B 220 1.39 12.59 -16.76
N THR B 221 2.44 13.34 -16.42
CA THR B 221 2.48 13.98 -15.11
C THR B 221 1.43 15.07 -14.97
N ILE B 222 1.29 15.92 -15.99
CA ILE B 222 0.27 16.97 -15.96
C ILE B 222 -1.14 16.38 -15.86
N GLU B 223 -1.40 15.32 -16.61
CA GLU B 223 -2.71 14.68 -16.62
C GLU B 223 -3.05 13.95 -15.32
N ARG B 224 -2.11 13.19 -14.77
CA ARG B 224 -2.41 12.32 -13.64
C ARG B 224 -1.99 12.85 -12.28
N ARG B 225 -0.91 13.62 -12.24
CA ARG B 225 -0.36 14.10 -10.98
C ARG B 225 0.11 15.55 -11.11
N PRO B 226 -0.83 16.47 -11.41
CA PRO B 226 -0.42 17.85 -11.66
C PRO B 226 0.23 18.47 -10.44
N ASP B 227 -0.05 17.93 -9.25
CA ASP B 227 0.57 18.45 -8.03
C ASP B 227 2.10 18.33 -8.06
N LEU B 228 2.62 17.32 -8.75
CA LEU B 228 4.07 17.09 -8.80
C LEU B 228 4.81 18.21 -9.52
N LEU B 229 4.09 18.93 -10.38
CA LEU B 229 4.65 20.04 -11.15
C LEU B 229 4.16 21.38 -10.60
N GLY B 230 3.54 21.34 -9.43
CA GLY B 230 3.12 22.56 -8.76
C GLY B 230 1.81 23.14 -9.25
N PHE B 231 0.90 22.30 -9.72
CA PHE B 231 -0.42 22.75 -10.14
C PHE B 231 -1.51 22.19 -9.23
N ASP B 232 -2.71 22.79 -9.30
CA ASP B 232 -3.84 22.34 -8.48
C ASP B 232 -4.24 20.90 -8.79
N SER B 233 -4.65 20.17 -7.76
CA SER B 233 -5.21 18.84 -7.92
C SER B 233 -6.68 18.93 -8.34
N PRO B 234 -7.18 17.90 -9.07
CA PRO B 234 -8.55 17.90 -9.57
C PRO B 234 -9.62 18.03 -8.47
C13 JEW C . 4.28 -0.50 -8.99
C15 JEW C . 3.36 -2.11 -10.52
C17 JEW C . 5.22 -3.30 -11.94
C20 JEW C . 2.96 1.31 -7.69
C21 JEW C . 3.32 2.26 -6.73
N01 JEW C . 5.50 -0.42 -13.33
C02 JEW C . 6.57 -0.20 -13.00
C03 JEW C . 7.98 0.14 -12.56
C04 JEW C . 8.70 -0.56 -11.58
C05 JEW C . 10.00 -0.16 -11.28
C06 JEW C . 10.58 0.91 -11.93
C07 JEW C . 9.87 1.59 -12.90
C08 JEW C . 8.58 1.20 -13.20
C09 JEW C . 8.23 -1.76 -10.77
N10 JEW C . 6.90 -2.22 -11.07
C11 JEW C . 5.76 -1.74 -10.44
C12 JEW C . 5.57 -0.75 -9.44
C14 JEW C . 3.17 -1.15 -9.53
C16 JEW C . 4.67 -2.40 -10.97
C18 JEW C . 6.59 -3.15 -11.96
C19 JEW C . 4.11 0.60 -7.98
N22 JEW C . 4.65 2.12 -6.51
N23 JEW C . 5.13 1.11 -7.29
N24 JEW C . 2.49 3.22 -6.10
S SO4 D . -11.64 2.30 29.41
O1 SO4 D . -12.67 3.23 28.92
O2 SO4 D . -10.34 2.71 28.88
O3 SO4 D . -11.60 2.34 30.87
O4 SO4 D . -11.92 0.93 28.96
S SO4 E . 14.55 12.17 15.82
O1 SO4 E . 13.96 13.51 15.82
O2 SO4 E . 15.38 12.00 14.64
O3 SO4 E . 13.50 11.17 15.84
O4 SO4 E . 15.38 12.02 17.03
C13 JEW F . -3.28 1.84 8.92
C15 JEW F . -2.21 0.79 10.83
C17 JEW F . -3.95 -0.09 12.57
C20 JEW F . -2.13 3.34 7.18
C21 JEW F . -2.53 3.97 6.01
N01 JEW F . -4.49 3.07 12.99
C02 JEW F . -5.58 3.12 12.63
C03 JEW F . -7.01 3.17 12.17
C04 JEW F . -7.67 2.15 11.48
C05 JEW F . -8.99 2.33 11.12
C06 JEW F . -9.66 3.51 11.42
C07 JEW F . -9.01 4.52 12.11
C08 JEW F . -7.69 4.35 12.48
C09 JEW F . -7.08 0.80 11.07
N10 JEW F . -5.71 0.56 11.43
C11 JEW F . -4.63 0.92 10.69
C12 JEW F . -4.55 1.60 9.44
C14 JEW F . -2.11 1.46 9.61
C16 JEW F . -3.48 0.55 11.37
C18 JEW F . -5.33 -0.05 12.56
C19 JEW F . -3.21 2.61 7.64
N22 JEW F . -3.82 3.63 5.78
N23 JEW F . -4.22 2.82 6.81
N24 JEW F . -1.77 4.82 5.17
#